data_3MP1
#
_entry.id   3MP1
#
_cell.length_a   50.238
_cell.length_b   84.845
_cell.length_c   119.150
_cell.angle_alpha   90.00
_cell.angle_beta   90.00
_cell.angle_gamma   90.00
#
_symmetry.space_group_name_H-M   'P 21 21 21'
#
loop_
_entity.id
_entity.type
_entity.pdbx_description
1 polymer 'Maltose-binding periplasmic protein,LINKER,SAGA-associated factor 29'
2 polymer 'H3K4me3 peptide'
3 branched alpha-D-glucopyranose-(1-4)-alpha-D-glucopyranose
4 non-polymer 'ACETATE ION'
5 water water
#
loop_
_entity_poly.entity_id
_entity_poly.type
_entity_poly.pdbx_seq_one_letter_code
_entity_poly.pdbx_strand_id
1 'polypeptide(L)'
;MKIEEGKLVIWINGDKGYNGLAEVGKKFEKDTGIKVTVEHPDKLEEKFPQVAATGDGPDIIFWAHDRFGGYAQSGLLAEI
TPDKAFQDKLYPFTWDAVRYNGKLIAYPIAVEALSLIYNKDLLPNPPKTWEEIPALDKELKAKGKSALMFNLQEPYFTWP
LIAADGGYAFKYENGKYDIKDVGVDNAGAKAGLTFLVDLIKNKHMNADTDYSIAEAAFNKGETAMTINGPWAWSNIDTSK
VNYGVTVLPTFKGQPSKPFVGVLSAGINAASPNKELAKEFLENYLLTDEGLEAVNKDKPLGAVALKSYEEELAKDPRIAA
TMENAQKGEIMPNIPQMSAFWYAVRTAVINAASGRQTVDEALAAAQTNAAAEFGSSYWTSEYNPNAPILVGSEVAYKPRR
GSADGEWIQCEVLKVVADGTRFEVRDPEPDELGNSGKVYKCNRKELLLIPPGFPTKNYPPGTKVLARYPETTTFYPAIVI
GTKRDGTCRLRFDGEEEVDKETEVTRRLVLPSPTALANLARK
;
A
2 'polypeptide(L)' ART(M3L)Q P
#
loop_
_chem_comp.id
_chem_comp.type
_chem_comp.name
_chem_comp.formula
ACT non-polymer 'ACETATE ION' 'C2 H3 O2 -1'
GLC D-saccharide, alpha linking alpha-D-glucopyranose 'C6 H12 O6'
#
# COMPACT_ATOMS: atom_id res chain seq x y z
N MET A 1 -35.16 1.19 5.46
CA MET A 1 -34.01 1.11 4.50
C MET A 1 -32.68 1.29 5.21
N LYS A 2 -31.59 0.91 4.54
CA LYS A 2 -30.25 1.04 5.10
C LYS A 2 -29.77 2.47 4.93
N ILE A 3 -28.90 2.91 5.82
CA ILE A 3 -28.38 4.29 5.79
C ILE A 3 -27.69 4.67 4.47
N GLU A 4 -26.96 3.72 3.88
CA GLU A 4 -26.24 3.96 2.64
C GLU A 4 -27.18 4.04 1.44
N GLU A 5 -28.42 3.61 1.63
CA GLU A 5 -29.39 3.60 0.54
C GLU A 5 -29.85 4.99 0.12
N GLY A 6 -29.95 5.19 -1.20
CA GLY A 6 -30.41 6.47 -1.72
C GLY A 6 -29.37 7.45 -2.20
N LYS A 7 -28.11 7.04 -2.22
CA LYS A 7 -27.04 7.92 -2.65
C LYS A 7 -25.77 7.11 -2.94
N LEU A 8 -24.71 7.83 -3.30
CA LEU A 8 -23.43 7.19 -3.62
C LEU A 8 -22.25 7.78 -2.87
N VAL A 9 -21.37 6.89 -2.42
CA VAL A 9 -20.17 7.29 -1.71
C VAL A 9 -19.00 6.62 -2.43
N ILE A 10 -18.07 7.43 -2.94
CA ILE A 10 -16.92 6.90 -3.64
C ILE A 10 -15.62 7.08 -2.88
N TRP A 11 -14.75 6.09 -2.97
CA TRP A 11 -13.45 6.13 -2.31
C TRP A 11 -12.40 6.02 -3.41
N ILE A 12 -11.36 6.85 -3.30
CA ILE A 12 -10.28 6.81 -4.27
C ILE A 12 -9.02 7.33 -3.59
N ASN A 13 -7.87 6.86 -4.02
CA ASN A 13 -6.63 7.28 -3.40
C ASN A 13 -6.34 8.76 -3.60
N GLY A 14 -5.77 9.38 -2.57
CA GLY A 14 -5.46 10.80 -2.60
C GLY A 14 -4.54 11.35 -3.68
N ASP A 15 -3.88 10.49 -4.44
CA ASP A 15 -3.00 10.95 -5.51
C ASP A 15 -3.64 10.94 -6.90
N LYS A 16 -4.93 10.63 -6.98
CA LYS A 16 -5.62 10.62 -8.26
C LYS A 16 -6.50 11.87 -8.38
N GLY A 17 -7.14 12.03 -9.53
CA GLY A 17 -7.97 13.19 -9.76
C GLY A 17 -9.36 13.14 -9.13
N TYR A 18 -9.43 13.08 -7.82
CA TYR A 18 -10.71 13.06 -7.14
C TYR A 18 -11.53 14.33 -7.36
N ASN A 19 -10.88 15.42 -7.76
CA ASN A 19 -11.62 16.65 -8.03
C ASN A 19 -12.16 16.57 -9.44
N GLY A 20 -11.42 15.89 -10.30
CA GLY A 20 -11.84 15.72 -11.68
C GLY A 20 -12.99 14.73 -11.68
N LEU A 21 -12.95 13.78 -10.75
CA LEU A 21 -13.99 12.76 -10.62
C LEU A 21 -15.22 13.40 -9.99
N ALA A 22 -15.01 14.37 -9.11
CA ALA A 22 -16.14 15.05 -8.49
C ALA A 22 -16.94 15.71 -9.62
N GLU A 23 -16.23 16.12 -10.67
CA GLU A 23 -16.87 16.74 -11.82
C GLU A 23 -17.76 15.73 -12.52
N VAL A 24 -17.28 14.50 -12.66
CA VAL A 24 -18.07 13.47 -13.30
C VAL A 24 -19.26 13.23 -12.38
N GLY A 25 -19.03 13.37 -11.10
CA GLY A 25 -20.09 13.18 -10.13
C GLY A 25 -21.13 14.27 -10.22
N LYS A 26 -20.72 15.48 -10.58
CA LYS A 26 -21.68 16.56 -10.67
C LYS A 26 -22.59 16.38 -11.88
N LYS A 27 -22.03 15.94 -13.00
CA LYS A 27 -22.82 15.74 -14.20
C LYS A 27 -23.88 14.67 -13.93
N PHE A 28 -23.50 13.68 -13.12
CA PHE A 28 -24.40 12.58 -12.75
C PHE A 28 -25.49 13.06 -11.80
N GLU A 29 -25.10 13.82 -10.78
CA GLU A 29 -26.04 14.32 -9.78
C GLU A 29 -27.09 15.16 -10.46
N LYS A 30 -26.62 15.93 -11.43
CA LYS A 30 -27.50 16.79 -12.15
C LYS A 30 -28.53 16.05 -12.98
N ASP A 31 -28.12 15.00 -13.67
CA ASP A 31 -29.01 14.23 -14.49
C ASP A 31 -29.98 13.31 -13.75
N THR A 32 -29.60 12.87 -12.55
CA THR A 32 -30.44 11.96 -11.77
C THR A 32 -31.01 12.54 -10.48
N GLY A 33 -30.47 13.67 -10.04
CA GLY A 33 -30.93 14.27 -8.80
C GLY A 33 -30.27 13.62 -7.58
N ILE A 34 -29.68 12.45 -7.78
CA ILE A 34 -29.01 11.72 -6.72
C ILE A 34 -27.71 12.41 -6.30
N LYS A 35 -27.30 12.21 -5.05
CA LYS A 35 -26.08 12.83 -4.58
C LYS A 35 -24.87 11.93 -4.65
N VAL A 36 -23.72 12.49 -5.01
CA VAL A 36 -22.48 11.72 -5.10
C VAL A 36 -21.38 12.35 -4.26
N THR A 37 -20.83 11.55 -3.35
CA THR A 37 -19.77 12.03 -2.47
C THR A 37 -18.47 11.26 -2.68
N VAL A 38 -17.44 12.00 -3.10
CA VAL A 38 -16.12 11.44 -3.38
C VAL A 38 -15.20 11.62 -2.17
N GLU A 39 -14.60 10.51 -1.71
CA GLU A 39 -13.70 10.56 -0.58
C GLU A 39 -12.36 9.90 -0.87
N HIS A 40 -11.32 10.46 -0.27
CA HIS A 40 -9.98 9.95 -0.43
C HIS A 40 -9.35 9.76 0.94
N PRO A 41 -9.87 8.80 1.71
CA PRO A 41 -9.35 8.52 3.05
C PRO A 41 -7.97 7.86 3.03
N ASP A 42 -7.25 8.00 4.14
CA ASP A 42 -5.92 7.43 4.30
C ASP A 42 -5.97 5.91 4.48
N LYS A 43 -5.10 5.21 3.76
CA LYS A 43 -5.03 3.76 3.82
C LYS A 43 -6.36 3.09 3.50
N LEU A 44 -7.12 3.67 2.58
CA LEU A 44 -8.41 3.13 2.19
C LEU A 44 -8.36 1.63 1.87
N GLU A 45 -7.25 1.19 1.28
CA GLU A 45 -7.09 -0.21 0.92
C GLU A 45 -7.19 -1.17 2.10
N GLU A 46 -6.87 -0.70 3.31
CA GLU A 46 -6.95 -1.53 4.51
C GLU A 46 -8.25 -1.37 5.28
N LYS A 47 -8.88 -0.21 5.14
CA LYS A 47 -10.13 0.07 5.83
C LYS A 47 -11.34 -0.53 5.12
N PHE A 48 -11.25 -0.67 3.80
CA PHE A 48 -12.37 -1.22 3.04
C PHE A 48 -12.78 -2.60 3.52
N PRO A 49 -11.79 -3.49 3.73
CA PRO A 49 -12.06 -4.86 4.19
C PRO A 49 -12.63 -4.98 5.60
N GLN A 50 -12.50 -3.94 6.41
CA GLN A 50 -13.00 -4.00 7.78
C GLN A 50 -14.32 -3.30 7.97
N VAL A 51 -14.68 -2.42 7.06
CA VAL A 51 -15.93 -1.67 7.17
C VAL A 51 -16.95 -2.07 6.10
N ALA A 52 -16.47 -2.60 4.99
CA ALA A 52 -17.35 -2.99 3.89
C ALA A 52 -18.28 -4.11 4.31
N ALA A 53 -17.71 -5.12 4.95
CA ALA A 53 -18.49 -6.28 5.41
C ALA A 53 -19.52 -6.00 6.49
N THR A 54 -19.19 -5.15 7.47
CA THR A 54 -20.17 -4.87 8.51
C THR A 54 -21.46 -4.45 7.81
N GLY A 55 -21.39 -4.41 6.48
CA GLY A 55 -22.55 -4.07 5.68
C GLY A 55 -22.59 -2.58 5.44
N ASP A 56 -21.49 -1.95 5.77
CA ASP A 56 -21.43 -0.54 5.58
C ASP A 56 -20.22 -0.35 4.62
N GLY A 57 -19.59 0.84 4.56
CA GLY A 57 -18.45 1.08 3.67
C GLY A 57 -18.87 1.88 2.44
N PRO A 58 -17.97 2.18 1.49
CA PRO A 58 -18.42 2.96 0.32
C PRO A 58 -19.14 2.10 -0.70
N ASP A 59 -19.83 2.75 -1.64
CA ASP A 59 -20.55 2.00 -2.67
C ASP A 59 -19.61 1.64 -3.82
N ILE A 60 -18.62 2.49 -4.08
CA ILE A 60 -17.64 2.22 -5.14
C ILE A 60 -16.21 2.39 -4.61
N ILE A 61 -15.33 1.48 -5.02
CA ILE A 61 -13.94 1.56 -4.58
C ILE A 61 -12.97 1.53 -5.74
N PHE A 62 -12.05 2.48 -5.77
CA PHE A 62 -11.04 2.56 -6.83
C PHE A 62 -9.66 2.19 -6.30
N TRP A 63 -9.04 1.21 -6.94
CA TRP A 63 -7.69 0.78 -6.57
C TRP A 63 -7.13 -0.06 -7.70
N ALA A 64 -5.85 -0.37 -7.63
CA ALA A 64 -5.22 -1.20 -8.66
C ALA A 64 -5.88 -2.58 -8.57
N HIS A 65 -5.99 -3.26 -9.71
CA HIS A 65 -6.65 -4.58 -9.74
C HIS A 65 -6.08 -5.65 -8.80
N ASP A 66 -4.85 -5.50 -8.36
CA ASP A 66 -4.19 -6.49 -7.50
C ASP A 66 -4.89 -6.78 -6.18
N ARG A 67 -5.55 -5.79 -5.61
CA ARG A 67 -6.24 -6.03 -4.36
C ARG A 67 -7.68 -6.49 -4.55
N PHE A 68 -8.20 -6.38 -5.77
CA PHE A 68 -9.58 -6.78 -6.00
C PHE A 68 -9.89 -8.26 -5.88
N GLY A 69 -8.89 -9.12 -6.10
CA GLY A 69 -9.09 -10.57 -6.01
C GLY A 69 -9.39 -11.00 -4.58
N GLY A 70 -8.72 -10.38 -3.62
CA GLY A 70 -8.95 -10.72 -2.23
C GLY A 70 -10.35 -10.26 -1.82
N TYR A 71 -10.74 -9.07 -2.25
CA TYR A 71 -12.08 -8.58 -1.92
C TYR A 71 -13.15 -9.47 -2.52
N ALA A 72 -12.99 -9.82 -3.79
CA ALA A 72 -13.95 -10.67 -4.48
C ALA A 72 -14.00 -12.04 -3.83
N GLN A 73 -12.83 -12.57 -3.48
CA GLN A 73 -12.75 -13.87 -2.84
C GLN A 73 -13.53 -13.88 -1.52
N SER A 74 -13.41 -12.81 -0.76
CA SER A 74 -14.10 -12.71 0.52
C SER A 74 -15.54 -12.28 0.41
N GLY A 75 -16.02 -12.10 -0.83
CA GLY A 75 -17.39 -11.70 -1.05
C GLY A 75 -17.72 -10.25 -0.80
N LEU A 76 -16.72 -9.38 -0.81
CA LEU A 76 -16.94 -7.95 -0.58
C LEU A 76 -17.28 -7.16 -1.85
N LEU A 77 -16.94 -7.69 -3.02
CA LEU A 77 -17.22 -7.04 -4.29
C LEU A 77 -18.28 -7.85 -5.02
N ALA A 78 -19.19 -7.17 -5.71
CA ALA A 78 -20.26 -7.85 -6.43
C ALA A 78 -19.87 -8.15 -7.88
N GLU A 79 -20.46 -9.19 -8.47
CA GLU A 79 -20.17 -9.52 -9.87
C GLU A 79 -20.87 -8.43 -10.68
N ILE A 80 -20.09 -7.75 -11.51
CA ILE A 80 -20.62 -6.67 -12.33
C ILE A 80 -21.41 -7.28 -13.46
N THR A 81 -22.32 -6.49 -14.04
CA THR A 81 -23.19 -6.98 -15.12
C THR A 81 -23.25 -6.18 -16.43
N PRO A 82 -22.10 -5.99 -17.11
CA PRO A 82 -22.16 -5.24 -18.36
C PRO A 82 -22.58 -6.11 -19.55
N ASP A 83 -23.35 -5.55 -20.48
CA ASP A 83 -23.78 -6.30 -21.64
C ASP A 83 -22.63 -6.39 -22.64
N LYS A 84 -22.86 -7.01 -23.79
CA LYS A 84 -21.79 -7.14 -24.77
C LYS A 84 -21.43 -5.86 -25.51
N ALA A 85 -22.41 -5.01 -25.77
CA ALA A 85 -22.15 -3.75 -26.46
C ALA A 85 -21.17 -2.91 -25.66
N PHE A 86 -21.24 -3.00 -24.33
CA PHE A 86 -20.33 -2.24 -23.49
C PHE A 86 -18.96 -2.91 -23.38
N GLN A 87 -18.96 -4.22 -23.19
CA GLN A 87 -17.72 -5.00 -23.06
C GLN A 87 -16.80 -4.75 -24.25
N ASP A 88 -17.40 -4.35 -25.36
CA ASP A 88 -16.66 -4.09 -26.58
C ASP A 88 -15.95 -2.76 -26.56
N LYS A 89 -16.46 -1.81 -25.79
CA LYS A 89 -15.83 -0.50 -25.74
C LYS A 89 -14.51 -0.50 -24.99
N LEU A 90 -14.25 -1.57 -24.25
CA LEU A 90 -13.00 -1.64 -23.49
C LEU A 90 -12.03 -2.61 -24.07
N TYR A 91 -10.75 -2.38 -23.80
CA TYR A 91 -9.72 -3.26 -24.31
C TYR A 91 -9.88 -4.65 -23.68
N PRO A 92 -9.93 -5.69 -24.52
CA PRO A 92 -10.08 -7.05 -24.03
C PRO A 92 -9.11 -7.43 -22.92
N PHE A 93 -7.88 -6.91 -22.96
CA PHE A 93 -6.92 -7.26 -21.93
C PHE A 93 -7.16 -6.57 -20.59
N THR A 94 -7.86 -5.44 -20.60
CA THR A 94 -8.13 -4.74 -19.36
C THR A 94 -9.26 -5.49 -18.62
N TRP A 95 -10.06 -6.26 -19.36
CA TRP A 95 -11.13 -7.06 -18.76
C TRP A 95 -10.47 -8.25 -18.06
N ASP A 96 -9.43 -8.75 -18.70
CA ASP A 96 -8.67 -9.88 -18.17
C ASP A 96 -8.15 -9.57 -16.78
N ALA A 97 -7.76 -8.32 -16.55
CA ALA A 97 -7.23 -7.91 -15.25
C ALA A 97 -8.24 -7.95 -14.09
N VAL A 98 -9.49 -7.63 -14.37
CA VAL A 98 -10.52 -7.61 -13.35
C VAL A 98 -11.38 -8.89 -13.31
N ARG A 99 -10.85 -10.00 -13.79
CA ARG A 99 -11.61 -11.25 -13.78
C ARG A 99 -11.07 -12.14 -12.67
N TYR A 100 -11.98 -12.78 -11.94
CA TYR A 100 -11.64 -13.70 -10.84
C TYR A 100 -12.56 -14.90 -10.95
N ASN A 101 -11.97 -16.09 -11.10
CA ASN A 101 -12.76 -17.31 -11.27
C ASN A 101 -13.75 -17.15 -12.42
N GLY A 102 -13.28 -16.59 -13.52
CA GLY A 102 -14.12 -16.38 -14.70
C GLY A 102 -15.29 -15.46 -14.45
N LYS A 103 -15.17 -14.59 -13.46
CA LYS A 103 -16.23 -13.66 -13.13
C LYS A 103 -15.67 -12.23 -13.22
N LEU A 104 -16.42 -11.33 -13.85
CA LEU A 104 -15.96 -9.96 -13.94
C LEU A 104 -16.26 -9.34 -12.57
N ILE A 105 -15.22 -8.87 -11.88
CA ILE A 105 -15.37 -8.30 -10.55
C ILE A 105 -15.16 -6.80 -10.41
N ALA A 106 -15.03 -6.08 -11.52
CA ALA A 106 -14.81 -4.64 -11.45
C ALA A 106 -14.70 -4.02 -12.84
N TYR A 107 -14.94 -2.72 -12.93
CA TYR A 107 -14.83 -1.99 -14.19
C TYR A 107 -13.41 -1.45 -14.33
N PRO A 108 -12.67 -1.89 -15.37
CA PRO A 108 -11.31 -1.36 -15.52
C PRO A 108 -11.34 0.08 -16.02
N ILE A 109 -10.30 0.84 -15.72
CA ILE A 109 -10.27 2.23 -16.12
C ILE A 109 -9.03 2.58 -16.93
N ALA A 110 -7.84 2.35 -16.38
CA ALA A 110 -6.61 2.68 -17.08
C ALA A 110 -5.40 1.82 -16.74
N VAL A 111 -4.47 1.75 -17.68
CA VAL A 111 -3.25 1.00 -17.51
C VAL A 111 -2.19 2.02 -17.09
N GLU A 112 -1.55 1.77 -15.96
CA GLU A 112 -0.53 2.67 -15.44
C GLU A 112 0.74 1.88 -15.14
N ALA A 113 1.88 2.50 -15.39
CA ALA A 113 3.15 1.85 -15.13
C ALA A 113 4.19 2.93 -14.82
N LEU A 114 5.12 2.62 -13.94
CA LEU A 114 6.15 3.58 -13.57
C LEU A 114 7.16 3.80 -14.68
N SER A 115 7.53 5.04 -14.90
CA SER A 115 8.53 5.35 -15.92
C SER A 115 9.61 6.20 -15.25
N LEU A 116 10.71 6.40 -15.95
CA LEU A 116 11.79 7.22 -15.42
C LEU A 116 11.45 8.65 -15.83
N ILE A 117 11.33 9.55 -14.86
CA ILE A 117 10.98 10.94 -15.14
C ILE A 117 12.23 11.78 -14.94
N TYR A 118 12.61 12.56 -15.95
CA TYR A 118 13.82 13.36 -15.83
C TYR A 118 13.72 14.84 -16.22
N ASN A 119 14.67 15.61 -15.69
CA ASN A 119 14.76 17.05 -15.92
C ASN A 119 15.68 17.24 -17.13
N LYS A 120 15.15 17.84 -18.19
CA LYS A 120 15.91 18.07 -19.41
C LYS A 120 16.99 19.16 -19.29
N ASP A 121 16.73 20.20 -18.51
CA ASP A 121 17.69 21.28 -18.33
C ASP A 121 18.91 20.79 -17.57
N LEU A 122 18.67 19.95 -16.56
CA LEU A 122 19.73 19.37 -15.74
C LEU A 122 20.33 18.14 -16.37
N LEU A 123 19.55 17.42 -17.17
CA LEU A 123 20.05 16.20 -17.76
C LEU A 123 19.49 15.98 -19.18
N PRO A 124 20.17 16.51 -20.20
CA PRO A 124 19.72 16.36 -21.59
C PRO A 124 19.62 14.89 -22.00
N ASN A 125 20.42 14.06 -21.37
CA ASN A 125 20.41 12.63 -21.68
C ASN A 125 20.40 11.78 -20.42
N PRO A 126 19.29 11.08 -20.18
CA PRO A 126 19.15 10.23 -19.00
C PRO A 126 19.89 8.88 -19.09
N PRO A 127 20.39 8.38 -17.95
CA PRO A 127 21.11 7.10 -17.93
C PRO A 127 20.23 5.97 -18.42
N LYS A 128 20.86 4.92 -18.92
CA LYS A 128 20.13 3.77 -19.42
C LYS A 128 20.21 2.63 -18.44
N THR A 129 21.24 2.68 -17.59
CA THR A 129 21.48 1.65 -16.59
C THR A 129 21.51 2.24 -15.19
N TRP A 130 21.20 1.39 -14.20
CA TRP A 130 21.21 1.81 -12.82
C TRP A 130 22.64 2.09 -12.40
N GLU A 131 23.55 1.29 -12.95
CA GLU A 131 24.97 1.41 -12.64
C GLU A 131 25.60 2.74 -13.01
N GLU A 132 24.86 3.57 -13.74
CA GLU A 132 25.40 4.87 -14.13
C GLU A 132 24.97 5.94 -13.13
N ILE A 133 24.02 5.56 -12.27
CA ILE A 133 23.47 6.47 -11.28
C ILE A 133 24.43 6.91 -10.18
N PRO A 134 25.29 6.01 -9.69
CA PRO A 134 26.23 6.38 -8.65
C PRO A 134 27.20 7.47 -9.15
N ALA A 135 27.59 7.38 -10.42
CA ALA A 135 28.51 8.36 -10.99
C ALA A 135 27.76 9.61 -11.37
N LEU A 136 26.50 9.43 -11.75
CA LEU A 136 25.70 10.58 -12.15
C LEU A 136 25.47 11.50 -10.96
N ASP A 137 25.34 10.92 -9.76
CA ASP A 137 25.10 11.69 -8.55
C ASP A 137 26.34 12.43 -8.07
N LYS A 138 27.52 11.84 -8.23
CA LYS A 138 28.75 12.50 -7.81
C LYS A 138 28.90 13.77 -8.65
N GLU A 139 28.59 13.66 -9.93
CA GLU A 139 28.69 14.78 -10.84
C GLU A 139 27.71 15.88 -10.46
N LEU A 140 26.46 15.49 -10.19
CA LEU A 140 25.41 16.42 -9.80
C LEU A 140 25.58 17.02 -8.42
N LYS A 141 26.29 16.34 -7.53
CA LYS A 141 26.49 16.85 -6.19
C LYS A 141 27.32 18.12 -6.15
N ALA A 142 28.30 18.20 -7.03
CA ALA A 142 29.17 19.38 -7.10
C ALA A 142 28.37 20.66 -7.36
N LYS A 143 27.15 20.52 -7.87
CA LYS A 143 26.33 21.70 -8.12
C LYS A 143 25.19 21.82 -7.11
N GLY A 144 25.22 20.99 -6.06
CA GLY A 144 24.20 21.02 -5.03
C GLY A 144 22.92 20.26 -5.37
N LYS A 145 22.99 19.42 -6.41
CA LYS A 145 21.84 18.65 -6.86
C LYS A 145 22.07 17.17 -6.60
N SER A 146 20.99 16.40 -6.62
CA SER A 146 21.07 14.96 -6.44
C SER A 146 20.63 14.35 -7.76
N ALA A 147 20.94 13.09 -7.98
CA ALA A 147 20.59 12.43 -9.22
C ALA A 147 19.20 11.82 -9.17
N LEU A 148 18.96 10.99 -8.15
CA LEU A 148 17.68 10.32 -8.03
C LEU A 148 16.98 10.42 -6.68
N MET A 149 15.65 10.48 -6.72
CA MET A 149 14.85 10.54 -5.50
C MET A 149 13.45 9.98 -5.75
N PHE A 150 13.10 8.92 -5.04
CA PHE A 150 11.79 8.31 -5.16
C PHE A 150 11.34 7.69 -3.85
N ASN A 151 10.07 7.31 -3.79
CA ASN A 151 9.48 6.72 -2.59
C ASN A 151 10.06 5.37 -2.20
N LEU A 152 10.65 5.31 -1.01
CA LEU A 152 11.25 4.08 -0.48
C LEU A 152 10.40 3.46 0.61
N GLN A 153 9.22 4.02 0.85
CA GLN A 153 8.34 3.49 1.88
C GLN A 153 7.31 2.54 1.28
N GLU A 154 7.12 2.62 -0.04
CA GLU A 154 6.17 1.75 -0.73
C GLU A 154 6.95 0.84 -1.67
N PRO A 155 6.89 -0.48 -1.44
CA PRO A 155 7.60 -1.47 -2.28
C PRO A 155 7.32 -1.40 -3.77
N TYR A 156 6.16 -0.87 -4.15
CA TYR A 156 5.77 -0.74 -5.54
C TYR A 156 6.84 -0.02 -6.36
N PHE A 157 7.48 0.97 -5.74
CA PHE A 157 8.50 1.76 -6.45
C PHE A 157 9.85 1.08 -6.62
N THR A 158 10.19 0.18 -5.69
CA THR A 158 11.48 -0.50 -5.76
C THR A 158 11.39 -1.81 -6.52
N TRP A 159 10.16 -2.28 -6.70
CA TRP A 159 9.95 -3.55 -7.37
C TRP A 159 10.59 -3.68 -8.75
N PRO A 160 10.48 -2.64 -9.60
CA PRO A 160 11.08 -2.70 -10.94
C PRO A 160 12.52 -3.18 -10.93
N LEU A 161 13.29 -2.68 -9.97
CA LEU A 161 14.70 -3.04 -9.82
C LEU A 161 14.86 -4.46 -9.26
N ILE A 162 14.06 -4.79 -8.25
CA ILE A 162 14.12 -6.12 -7.62
C ILE A 162 13.75 -7.21 -8.60
N ALA A 163 13.03 -6.85 -9.65
CA ALA A 163 12.59 -7.82 -10.63
C ALA A 163 13.48 -7.90 -11.87
N ALA A 164 14.14 -6.80 -12.21
CA ALA A 164 15.00 -6.78 -13.39
C ALA A 164 15.88 -8.01 -13.54
N ASP A 165 16.63 -8.31 -12.50
CA ASP A 165 17.56 -9.43 -12.54
C ASP A 165 17.05 -10.81 -12.15
N GLY A 166 15.74 -10.97 -11.94
CA GLY A 166 15.24 -12.30 -11.58
C GLY A 166 14.24 -12.43 -10.44
N GLY A 167 14.03 -11.36 -9.69
CA GLY A 167 13.07 -11.42 -8.60
C GLY A 167 11.66 -11.40 -9.15
N TYR A 168 10.77 -12.16 -8.53
CA TYR A 168 9.39 -12.20 -8.93
C TYR A 168 8.53 -12.36 -7.68
N ALA A 169 7.22 -12.41 -7.83
CA ALA A 169 6.33 -12.54 -6.68
C ALA A 169 5.81 -13.97 -6.52
N PHE A 170 4.92 -14.37 -7.43
CA PHE A 170 4.36 -15.72 -7.42
C PHE A 170 4.62 -16.31 -8.81
N LYS A 171 5.00 -17.57 -8.84
CA LYS A 171 5.29 -18.23 -10.12
C LYS A 171 4.01 -18.64 -10.90
N TYR A 172 3.85 -18.21 -12.18
CA TYR A 172 2.68 -18.57 -13.03
C TYR A 172 2.99 -19.96 -13.59
N GLU A 173 2.51 -20.97 -12.87
CA GLU A 173 2.79 -22.38 -13.17
C GLU A 173 2.00 -23.19 -14.19
N ASN A 174 0.80 -23.61 -13.84
CA ASN A 174 0.00 -24.43 -14.76
C ASN A 174 -0.99 -23.54 -15.44
N GLY A 175 -2.08 -23.28 -14.73
CA GLY A 175 -3.11 -22.40 -15.23
C GLY A 175 -3.17 -21.39 -14.11
N LYS A 176 -2.18 -21.45 -13.22
CA LYS A 176 -2.19 -20.56 -12.07
C LYS A 176 -0.86 -20.01 -11.48
N TYR A 177 -1.00 -19.36 -10.33
CA TYR A 177 0.12 -18.77 -9.59
C TYR A 177 0.33 -19.66 -8.37
N ASP A 178 1.51 -20.26 -8.26
CA ASP A 178 1.83 -21.13 -7.14
C ASP A 178 2.20 -20.25 -5.94
N ILE A 179 1.32 -20.20 -4.94
CA ILE A 179 1.65 -19.39 -3.77
C ILE A 179 2.76 -20.07 -2.97
N LYS A 180 3.07 -21.31 -3.35
CA LYS A 180 4.13 -22.08 -2.69
C LYS A 180 5.47 -21.79 -3.37
N ASP A 181 5.44 -20.92 -4.38
CA ASP A 181 6.65 -20.58 -5.09
C ASP A 181 6.86 -19.07 -5.14
N VAL A 182 7.37 -18.53 -4.05
CA VAL A 182 7.65 -17.10 -3.95
C VAL A 182 9.05 -16.90 -4.51
N GLY A 183 9.30 -15.76 -5.12
CA GLY A 183 10.61 -15.50 -5.69
C GLY A 183 11.24 -14.22 -5.19
N VAL A 184 11.00 -13.90 -3.92
CA VAL A 184 11.56 -12.68 -3.36
C VAL A 184 12.84 -12.96 -2.59
N ASP A 185 13.23 -14.24 -2.54
CA ASP A 185 14.41 -14.65 -1.82
C ASP A 185 15.51 -15.19 -2.75
N ASN A 186 15.27 -15.17 -4.06
CA ASN A 186 16.30 -15.67 -4.99
C ASN A 186 17.40 -14.65 -5.25
N ALA A 187 18.51 -15.12 -5.78
CA ALA A 187 19.66 -14.27 -6.08
C ALA A 187 19.26 -13.13 -6.99
N GLY A 188 18.33 -13.40 -7.89
CA GLY A 188 17.87 -12.35 -8.79
C GLY A 188 17.33 -11.18 -8.00
N ALA A 189 16.52 -11.46 -6.98
CA ALA A 189 15.92 -10.43 -6.15
C ALA A 189 16.93 -9.79 -5.21
N LYS A 190 17.72 -10.63 -4.54
CA LYS A 190 18.73 -10.14 -3.60
C LYS A 190 19.75 -9.19 -4.22
N ALA A 191 20.04 -9.39 -5.51
CA ALA A 191 21.01 -8.55 -6.22
C ALA A 191 20.47 -7.16 -6.53
N GLY A 192 19.16 -7.04 -6.60
CA GLY A 192 18.57 -5.75 -6.87
C GLY A 192 18.50 -4.91 -5.61
N LEU A 193 17.97 -5.50 -4.56
CA LEU A 193 17.85 -4.78 -3.29
C LEU A 193 19.23 -4.42 -2.77
N THR A 194 20.18 -5.35 -2.90
CA THR A 194 21.51 -5.06 -2.42
C THR A 194 22.07 -3.84 -3.12
N PHE A 195 21.70 -3.66 -4.39
CA PHE A 195 22.17 -2.50 -5.15
C PHE A 195 21.49 -1.25 -4.59
N LEU A 196 20.22 -1.38 -4.24
CA LEU A 196 19.46 -0.27 -3.68
C LEU A 196 20.04 0.10 -2.32
N VAL A 197 20.34 -0.91 -1.51
CA VAL A 197 20.90 -0.66 -0.19
C VAL A 197 22.22 0.09 -0.29
N ASP A 198 23.07 -0.30 -1.24
CA ASP A 198 24.35 0.38 -1.40
C ASP A 198 24.24 1.84 -1.77
N LEU A 199 23.26 2.16 -2.63
CA LEU A 199 23.03 3.54 -3.05
C LEU A 199 22.79 4.41 -1.82
N ILE A 200 22.17 3.82 -0.80
CA ILE A 200 21.87 4.53 0.42
C ILE A 200 23.11 4.60 1.30
N LYS A 201 23.88 3.52 1.31
CA LYS A 201 25.10 3.49 2.13
C LYS A 201 26.08 4.54 1.64
N ASN A 202 26.13 4.72 0.33
CA ASN A 202 27.05 5.69 -0.25
C ASN A 202 26.41 7.05 -0.39
N LYS A 203 25.40 7.30 0.41
CA LYS A 203 24.71 8.59 0.41
C LYS A 203 24.20 9.09 -0.93
N HIS A 204 23.61 8.21 -1.75
CA HIS A 204 23.07 8.67 -3.03
C HIS A 204 21.59 8.86 -2.84
N MET A 205 21.08 8.27 -1.77
CA MET A 205 19.69 8.37 -1.42
C MET A 205 19.64 8.25 0.10
N ASN A 206 18.58 8.77 0.69
CA ASN A 206 18.40 8.68 2.13
C ASN A 206 17.16 7.82 2.34
N ALA A 207 17.25 6.84 3.23
CA ALA A 207 16.15 5.92 3.49
C ALA A 207 14.88 6.58 4.02
N ASP A 208 14.96 7.85 4.38
CA ASP A 208 13.76 8.51 4.88
C ASP A 208 12.87 9.03 3.74
N THR A 209 13.41 9.11 2.53
CA THR A 209 12.64 9.60 1.39
C THR A 209 11.31 8.85 1.20
N ASP A 210 10.21 9.60 1.26
CA ASP A 210 8.89 9.02 1.06
C ASP A 210 8.32 9.57 -0.23
N TYR A 211 7.00 9.55 -0.36
CA TYR A 211 6.40 10.04 -1.60
C TYR A 211 6.42 11.57 -1.69
N SER A 212 5.88 12.23 -0.66
CA SER A 212 5.81 13.69 -0.61
C SER A 212 7.15 14.40 -0.82
N ILE A 213 8.15 13.94 -0.08
CA ILE A 213 9.51 14.46 -0.12
C ILE A 213 10.15 14.38 -1.52
N ALA A 214 9.94 13.28 -2.23
CA ALA A 214 10.50 13.13 -3.57
C ALA A 214 9.83 14.08 -4.56
N GLU A 215 8.49 14.11 -4.55
CA GLU A 215 7.71 14.97 -5.45
C GLU A 215 8.18 16.42 -5.40
N ALA A 216 8.45 16.91 -4.20
CA ALA A 216 8.91 18.28 -4.02
C ALA A 216 10.34 18.44 -4.51
N ALA A 217 11.17 17.44 -4.24
CA ALA A 217 12.57 17.50 -4.67
C ALA A 217 12.64 17.70 -6.19
N PHE A 218 11.83 16.94 -6.91
CA PHE A 218 11.81 17.01 -8.37
C PHE A 218 11.13 18.26 -8.94
N ASN A 219 10.03 18.68 -8.31
CA ASN A 219 9.30 19.83 -8.80
C ASN A 219 9.99 21.16 -8.52
N LYS A 220 10.91 21.17 -7.56
CA LYS A 220 11.64 22.39 -7.26
C LYS A 220 13.01 22.32 -7.92
N GLY A 221 13.24 21.24 -8.67
CA GLY A 221 14.48 21.04 -9.39
C GLY A 221 15.68 20.75 -8.51
N GLU A 222 15.47 20.04 -7.42
CA GLU A 222 16.57 19.71 -6.51
C GLU A 222 17.21 18.39 -6.88
N THR A 223 16.53 17.63 -7.71
CA THR A 223 17.02 16.33 -8.14
C THR A 223 16.77 16.16 -9.64
N ALA A 224 17.69 15.46 -10.31
CA ALA A 224 17.62 15.25 -11.74
C ALA A 224 16.57 14.26 -12.20
N MET A 225 16.24 13.30 -11.34
CA MET A 225 15.25 12.28 -11.71
C MET A 225 14.35 11.83 -10.56
N THR A 226 13.43 10.94 -10.91
CA THR A 226 12.47 10.37 -9.96
C THR A 226 11.70 9.27 -10.69
N ILE A 227 11.24 8.26 -9.96
CA ILE A 227 10.46 7.18 -10.55
C ILE A 227 9.03 7.26 -10.05
N ASN A 228 8.11 7.70 -10.92
CA ASN A 228 6.72 7.83 -10.54
C ASN A 228 5.83 7.42 -11.71
N GLY A 229 4.52 7.37 -11.50
CA GLY A 229 3.62 7.01 -12.57
C GLY A 229 2.91 8.19 -13.22
N PRO A 230 1.98 7.96 -14.16
CA PRO A 230 1.23 9.01 -14.86
C PRO A 230 0.57 10.07 -13.97
N TRP A 231 -0.09 9.64 -12.91
CA TRP A 231 -0.79 10.53 -11.97
C TRP A 231 0.02 11.68 -11.41
N ALA A 232 1.33 11.60 -11.50
CA ALA A 232 2.23 12.64 -10.98
C ALA A 232 2.53 13.78 -11.97
N TRP A 233 2.25 13.58 -13.25
CA TRP A 233 2.54 14.59 -14.27
C TRP A 233 1.83 15.92 -14.10
N SER A 234 0.64 15.90 -13.50
CA SER A 234 -0.14 17.11 -13.31
C SER A 234 0.65 18.17 -12.53
N ASN A 235 1.26 17.77 -11.42
CA ASN A 235 2.04 18.71 -10.60
C ASN A 235 3.32 19.19 -11.27
N ILE A 236 3.96 18.32 -12.06
CA ILE A 236 5.19 18.72 -12.72
C ILE A 236 4.91 19.85 -13.73
N ASP A 237 3.83 19.71 -14.49
CA ASP A 237 3.46 20.73 -15.48
C ASP A 237 3.26 22.08 -14.79
N THR A 238 2.61 22.03 -13.63
CA THR A 238 2.33 23.22 -12.84
C THR A 238 3.61 23.91 -12.40
N SER A 239 4.68 23.14 -12.25
CA SER A 239 5.97 23.69 -11.84
C SER A 239 6.76 24.21 -13.02
N LYS A 240 8.06 24.36 -12.78
CA LYS A 240 8.98 24.85 -13.80
C LYS A 240 9.72 23.77 -14.57
N VAL A 241 10.01 22.64 -13.95
CA VAL A 241 10.76 21.60 -14.64
C VAL A 241 10.33 21.30 -16.06
N ASN A 242 11.31 21.37 -16.93
CA ASN A 242 11.11 21.04 -18.31
C ASN A 242 11.46 19.55 -18.20
N TYR A 243 10.45 18.70 -18.14
CA TYR A 243 10.74 17.29 -17.97
C TYR A 243 10.45 16.39 -19.17
N GLY A 244 10.82 15.13 -19.00
CA GLY A 244 10.61 14.12 -20.02
C GLY A 244 10.20 12.82 -19.34
N VAL A 245 9.76 11.84 -20.11
CA VAL A 245 9.34 10.57 -19.54
C VAL A 245 9.85 9.48 -20.44
N THR A 246 10.70 8.61 -19.90
CA THR A 246 11.27 7.52 -20.69
C THR A 246 11.34 6.18 -19.95
N VAL A 247 11.92 5.20 -20.62
CA VAL A 247 12.07 3.86 -20.07
C VAL A 247 12.91 3.86 -18.82
N LEU A 248 12.61 2.93 -17.92
CA LEU A 248 13.34 2.81 -16.67
C LEU A 248 14.77 2.33 -16.95
N PRO A 249 15.68 2.60 -16.02
CA PRO A 249 17.07 2.16 -16.24
C PRO A 249 17.15 0.64 -16.18
N THR A 250 18.13 0.08 -16.88
CA THR A 250 18.36 -1.35 -16.90
C THR A 250 19.26 -1.73 -15.74
N PHE A 251 19.26 -3.00 -15.38
CA PHE A 251 20.11 -3.45 -14.29
C PHE A 251 20.71 -4.77 -14.72
N LYS A 252 22.05 -4.79 -14.77
CA LYS A 252 22.79 -5.98 -15.20
C LYS A 252 22.40 -6.31 -16.63
N GLY A 253 22.20 -5.28 -17.45
CA GLY A 253 21.82 -5.51 -18.83
C GLY A 253 20.37 -5.92 -19.03
N GLN A 254 19.65 -6.03 -17.92
CA GLN A 254 18.24 -6.42 -17.98
C GLN A 254 17.33 -5.23 -17.72
N PRO A 255 16.17 -5.18 -18.40
CA PRO A 255 15.20 -4.08 -18.22
C PRO A 255 14.57 -4.11 -16.82
N SER A 256 14.08 -2.98 -16.36
CA SER A 256 13.44 -2.92 -15.05
C SER A 256 12.03 -3.40 -15.34
N LYS A 257 11.56 -4.37 -14.56
CA LYS A 257 10.24 -4.94 -14.75
C LYS A 257 9.22 -4.38 -13.76
N PRO A 258 8.60 -3.23 -14.09
CA PRO A 258 7.61 -2.63 -13.20
C PRO A 258 6.31 -3.42 -13.22
N PHE A 259 5.72 -3.63 -12.05
CA PHE A 259 4.44 -4.34 -11.97
C PHE A 259 3.46 -3.40 -12.64
N VAL A 260 2.64 -3.93 -13.53
CA VAL A 260 1.64 -3.13 -14.23
C VAL A 260 0.30 -3.29 -13.53
N GLY A 261 -0.40 -2.18 -13.32
CA GLY A 261 -1.68 -2.26 -12.67
C GLY A 261 -2.76 -1.59 -13.48
N VAL A 262 -3.99 -2.04 -13.29
CA VAL A 262 -5.12 -1.46 -13.98
C VAL A 262 -6.01 -0.80 -12.91
N LEU A 263 -6.07 0.52 -12.92
CA LEU A 263 -6.93 1.22 -11.96
C LEU A 263 -8.32 0.64 -12.27
N SER A 264 -9.10 0.33 -11.25
CA SER A 264 -10.41 -0.25 -11.47
C SER A 264 -11.40 0.15 -10.40
N ALA A 265 -12.68 0.14 -10.76
CA ALA A 265 -13.74 0.51 -9.84
C ALA A 265 -14.53 -0.73 -9.44
N GLY A 266 -14.62 -0.97 -8.14
CA GLY A 266 -15.36 -2.13 -7.69
C GLY A 266 -16.66 -1.67 -7.05
N ILE A 267 -17.66 -2.55 -7.06
CA ILE A 267 -18.94 -2.22 -6.46
C ILE A 267 -19.11 -3.09 -5.20
N ASN A 268 -19.29 -2.43 -4.05
CA ASN A 268 -19.46 -3.15 -2.79
C ASN A 268 -20.67 -4.07 -2.81
N ALA A 269 -20.47 -5.32 -2.42
CA ALA A 269 -21.52 -6.35 -2.41
C ALA A 269 -22.56 -6.16 -1.32
N ALA A 270 -22.24 -5.34 -0.32
CA ALA A 270 -23.15 -5.08 0.78
C ALA A 270 -24.05 -3.89 0.45
N SER A 271 -23.66 -3.14 -0.55
CA SER A 271 -24.39 -1.94 -0.96
C SER A 271 -25.77 -2.16 -1.55
N PRO A 272 -26.71 -1.28 -1.18
CA PRO A 272 -28.08 -1.38 -1.68
C PRO A 272 -28.26 -0.48 -2.91
N ASN A 273 -27.15 0.03 -3.43
CA ASN A 273 -27.21 0.92 -4.61
C ASN A 273 -26.32 0.40 -5.73
N LYS A 274 -26.28 -0.91 -5.90
CA LYS A 274 -25.45 -1.52 -6.92
C LYS A 274 -25.83 -1.08 -8.32
N GLU A 275 -27.12 -0.81 -8.51
CA GLU A 275 -27.63 -0.40 -9.81
C GLU A 275 -27.45 1.08 -10.13
N LEU A 276 -27.25 1.89 -9.10
CA LEU A 276 -27.02 3.33 -9.30
C LEU A 276 -25.52 3.45 -9.55
N ALA A 277 -24.77 2.53 -8.96
CA ALA A 277 -23.32 2.51 -9.14
C ALA A 277 -22.98 2.10 -10.57
N LYS A 278 -23.79 1.24 -11.16
CA LYS A 278 -23.55 0.81 -12.53
C LYS A 278 -23.83 1.99 -13.47
N GLU A 279 -24.92 2.71 -13.20
CA GLU A 279 -25.27 3.87 -14.01
C GLU A 279 -24.09 4.85 -14.05
N PHE A 280 -23.57 5.17 -12.87
CA PHE A 280 -22.45 6.08 -12.77
C PHE A 280 -21.26 5.63 -13.60
N LEU A 281 -20.85 4.37 -13.42
CA LEU A 281 -19.69 3.85 -14.10
C LEU A 281 -19.75 3.69 -15.62
N GLU A 282 -20.83 3.09 -16.11
CA GLU A 282 -20.98 2.85 -17.54
C GLU A 282 -21.42 4.02 -18.39
N ASN A 283 -22.25 4.91 -17.84
CA ASN A 283 -22.75 6.03 -18.63
C ASN A 283 -22.13 7.38 -18.37
N TYR A 284 -21.42 7.54 -17.26
CA TYR A 284 -20.83 8.83 -17.00
C TYR A 284 -19.32 8.85 -16.91
N LEU A 285 -18.74 7.93 -16.16
CA LEU A 285 -17.30 7.90 -16.03
C LEU A 285 -16.63 7.30 -17.27
N LEU A 286 -16.92 6.03 -17.56
CA LEU A 286 -16.32 5.39 -18.72
C LEU A 286 -16.89 5.92 -20.04
N THR A 287 -16.86 7.24 -20.21
CA THR A 287 -17.33 7.89 -21.42
C THR A 287 -16.18 8.77 -21.85
N ASP A 288 -16.25 9.31 -23.05
CA ASP A 288 -15.16 10.16 -23.53
C ASP A 288 -15.00 11.42 -22.69
N GLU A 289 -16.12 12.01 -22.28
CA GLU A 289 -16.07 13.22 -21.46
C GLU A 289 -15.75 12.88 -20.00
N GLY A 290 -16.30 11.77 -19.51
CA GLY A 290 -16.06 11.37 -18.15
C GLY A 290 -14.61 11.08 -17.84
N LEU A 291 -13.90 10.51 -18.79
CA LEU A 291 -12.49 10.19 -18.60
C LEU A 291 -11.66 11.42 -18.87
N GLU A 292 -12.05 12.13 -19.90
CA GLU A 292 -11.35 13.34 -20.28
C GLU A 292 -11.30 14.24 -19.06
N ALA A 293 -12.41 14.28 -18.31
CA ALA A 293 -12.49 15.10 -17.11
C ALA A 293 -11.54 14.65 -15.98
N VAL A 294 -11.58 13.37 -15.63
CA VAL A 294 -10.69 12.85 -14.58
C VAL A 294 -9.24 12.94 -15.03
N ASN A 295 -9.01 12.70 -16.33
CA ASN A 295 -7.68 12.76 -16.92
C ASN A 295 -7.08 14.17 -16.78
N LYS A 296 -7.95 15.19 -16.86
CA LYS A 296 -7.57 16.59 -16.74
C LYS A 296 -7.02 16.93 -15.36
N ASP A 297 -7.66 16.46 -14.29
CA ASP A 297 -7.18 16.73 -12.93
C ASP A 297 -5.77 16.17 -12.83
N LYS A 298 -5.65 14.84 -12.83
CA LYS A 298 -4.36 14.17 -12.79
C LYS A 298 -4.42 13.04 -13.82
N PRO A 299 -3.48 13.04 -14.78
CA PRO A 299 -3.42 12.02 -15.84
C PRO A 299 -3.66 10.58 -15.36
N LEU A 300 -4.52 9.87 -16.09
CA LEU A 300 -4.88 8.50 -15.77
C LEU A 300 -3.89 7.46 -16.30
N GLY A 301 -3.23 7.79 -17.40
CA GLY A 301 -2.29 6.86 -18.01
C GLY A 301 -2.87 6.38 -19.33
N ALA A 302 -2.82 5.07 -19.56
CA ALA A 302 -3.39 4.50 -20.78
C ALA A 302 -4.80 4.02 -20.41
N VAL A 303 -5.82 4.68 -20.96
CA VAL A 303 -7.23 4.35 -20.65
C VAL A 303 -7.80 3.13 -21.34
N ALA A 304 -8.60 2.36 -20.59
CA ALA A 304 -9.24 1.14 -21.07
C ALA A 304 -10.28 1.38 -22.15
N LEU A 305 -10.74 2.62 -22.27
CA LEU A 305 -11.74 2.97 -23.25
C LEU A 305 -11.11 3.24 -24.64
N LYS A 306 -11.24 2.27 -25.53
CA LYS A 306 -10.70 2.35 -26.87
C LYS A 306 -10.85 3.69 -27.59
N SER A 307 -12.07 4.21 -27.66
CA SER A 307 -12.30 5.46 -28.38
C SER A 307 -11.53 6.66 -27.87
N TYR A 308 -11.34 6.75 -26.56
CA TYR A 308 -10.62 7.89 -26.00
C TYR A 308 -9.10 7.68 -25.99
N GLU A 309 -8.65 6.44 -26.03
CA GLU A 309 -7.21 6.16 -25.98
C GLU A 309 -6.53 6.61 -27.28
N GLU A 310 -7.35 6.82 -28.28
CA GLU A 310 -6.91 7.25 -29.58
C GLU A 310 -6.30 8.63 -29.50
N GLU A 311 -6.70 9.37 -28.46
CA GLU A 311 -6.25 10.73 -28.21
C GLU A 311 -4.88 10.78 -27.57
N LEU A 312 -4.75 10.06 -26.46
CA LEU A 312 -3.50 10.00 -25.71
C LEU A 312 -2.49 9.07 -26.40
N ALA A 313 -2.99 8.16 -27.21
CA ALA A 313 -2.14 7.21 -27.93
C ALA A 313 -0.85 7.85 -28.49
N LYS A 314 -0.97 9.02 -29.10
CA LYS A 314 0.19 9.69 -29.69
C LYS A 314 1.09 10.41 -28.69
N ASP A 315 0.57 10.69 -27.50
CA ASP A 315 1.37 11.37 -26.48
C ASP A 315 2.63 10.56 -26.12
N PRO A 316 3.82 11.17 -26.25
CA PRO A 316 5.11 10.53 -25.94
C PRO A 316 5.15 9.90 -24.55
N ARG A 317 4.57 10.57 -23.56
CA ARG A 317 4.55 10.04 -22.20
C ARG A 317 3.84 8.70 -22.13
N ILE A 318 2.68 8.60 -22.78
CA ILE A 318 1.93 7.35 -22.80
C ILE A 318 2.80 6.31 -23.51
N ALA A 319 3.52 6.74 -24.53
CA ALA A 319 4.39 5.84 -25.27
C ALA A 319 5.43 5.21 -24.36
N ALA A 320 6.07 6.04 -23.54
CA ALA A 320 7.08 5.54 -22.63
C ALA A 320 6.42 4.63 -21.60
N THR A 321 5.27 5.07 -21.10
CA THR A 321 4.52 4.31 -20.11
C THR A 321 4.18 2.91 -20.59
N MET A 322 3.80 2.79 -21.86
CA MET A 322 3.46 1.48 -22.39
C MET A 322 4.71 0.67 -22.70
N GLU A 323 5.83 1.36 -22.90
CA GLU A 323 7.08 0.68 -23.21
C GLU A 323 7.54 -0.10 -21.99
N ASN A 324 7.51 0.58 -20.86
CA ASN A 324 7.91 0.01 -19.59
C ASN A 324 6.90 -1.00 -19.19
N ALA A 325 5.65 -0.79 -19.58
CA ALA A 325 4.63 -1.72 -19.20
C ALA A 325 4.86 -3.05 -19.92
N GLN A 326 5.22 -2.98 -21.20
CA GLN A 326 5.47 -4.18 -22.00
C GLN A 326 6.68 -4.97 -21.49
N LYS A 327 7.60 -4.28 -20.85
CA LYS A 327 8.80 -4.93 -20.34
C LYS A 327 8.61 -5.52 -18.94
N GLY A 328 7.55 -5.12 -18.27
CA GLY A 328 7.28 -5.64 -16.95
C GLY A 328 6.23 -6.73 -17.01
N GLU A 329 5.68 -7.12 -15.87
CA GLU A 329 4.64 -8.14 -15.82
C GLU A 329 3.42 -7.63 -15.10
N ILE A 330 2.25 -8.15 -15.47
CA ILE A 330 0.97 -7.76 -14.88
C ILE A 330 0.82 -8.35 -13.48
N MET A 331 0.53 -7.51 -12.49
CA MET A 331 0.35 -7.98 -11.12
C MET A 331 -0.69 -9.08 -11.01
N PRO A 332 -0.45 -10.05 -10.12
CA PRO A 332 -1.45 -11.12 -9.99
C PRO A 332 -2.58 -10.55 -9.11
N ASN A 333 -3.65 -11.30 -8.93
CA ASN A 333 -4.75 -10.83 -8.09
C ASN A 333 -5.26 -11.87 -7.11
N ILE A 334 -4.41 -12.82 -6.75
CA ILE A 334 -4.80 -13.86 -5.80
C ILE A 334 -4.94 -13.20 -4.42
N PRO A 335 -5.65 -13.85 -3.49
CA PRO A 335 -5.83 -13.27 -2.15
C PRO A 335 -4.53 -13.04 -1.37
N GLN A 336 -3.48 -13.76 -1.74
CA GLN A 336 -2.19 -13.64 -1.05
C GLN A 336 -1.43 -12.34 -1.37
N MET A 337 -1.98 -11.52 -2.28
CA MET A 337 -1.32 -10.28 -2.66
C MET A 337 -1.12 -9.28 -1.53
N SER A 338 -2.07 -9.16 -0.61
CA SER A 338 -1.89 -8.20 0.47
C SER A 338 -0.82 -8.68 1.44
N ALA A 339 -0.76 -9.99 1.69
CA ALA A 339 0.26 -10.52 2.58
C ALA A 339 1.61 -10.27 1.93
N PHE A 340 1.65 -10.53 0.62
CA PHE A 340 2.87 -10.33 -0.14
C PHE A 340 3.37 -8.90 -0.05
N TRP A 341 2.49 -7.92 -0.22
CA TRP A 341 2.88 -6.51 -0.14
C TRP A 341 3.36 -6.10 1.25
N TYR A 342 2.79 -6.70 2.30
CA TYR A 342 3.19 -6.37 3.68
C TYR A 342 4.60 -6.87 3.95
N ALA A 343 4.92 -8.04 3.42
CA ALA A 343 6.23 -8.66 3.61
C ALA A 343 7.36 -7.91 2.91
N VAL A 344 7.13 -7.53 1.65
CA VAL A 344 8.14 -6.82 0.88
C VAL A 344 8.32 -5.42 1.46
N ARG A 345 7.22 -4.76 1.81
CA ARG A 345 7.33 -3.42 2.37
C ARG A 345 8.17 -3.46 3.67
N THR A 346 7.99 -4.53 4.43
CA THR A 346 8.72 -4.72 5.67
C THR A 346 10.20 -4.95 5.40
N ALA A 347 10.49 -5.78 4.40
CA ALA A 347 11.85 -6.09 4.02
C ALA A 347 12.60 -4.89 3.39
N VAL A 348 11.91 -4.09 2.57
CA VAL A 348 12.57 -2.96 1.94
C VAL A 348 12.89 -1.85 2.94
N ILE A 349 11.93 -1.53 3.81
CA ILE A 349 12.19 -0.50 4.80
C ILE A 349 13.29 -0.94 5.76
N ASN A 350 13.33 -2.23 6.10
CA ASN A 350 14.36 -2.73 7.02
C ASN A 350 15.75 -2.82 6.42
N ALA A 351 15.86 -3.38 5.22
CA ALA A 351 17.17 -3.50 4.57
C ALA A 351 17.81 -2.14 4.31
N ALA A 352 16.98 -1.19 3.89
CA ALA A 352 17.46 0.16 3.59
C ALA A 352 17.87 0.96 4.84
N SER A 353 17.30 0.64 6.00
CA SER A 353 17.61 1.36 7.22
C SER A 353 18.70 0.71 8.07
N GLY A 354 19.29 -0.37 7.58
CA GLY A 354 20.33 -1.06 8.33
C GLY A 354 19.83 -2.06 9.35
N ARG A 355 18.62 -1.84 9.88
CA ARG A 355 18.07 -2.72 10.89
C ARG A 355 18.13 -4.21 10.54
N GLN A 356 18.35 -4.52 9.26
CA GLN A 356 18.43 -5.90 8.80
C GLN A 356 19.23 -6.00 7.53
N THR A 357 20.00 -7.08 7.43
CA THR A 357 20.82 -7.30 6.25
C THR A 357 19.87 -7.78 5.16
N VAL A 358 20.20 -7.49 3.90
CA VAL A 358 19.38 -7.92 2.78
C VAL A 358 18.93 -9.37 2.91
N ASP A 359 19.86 -10.23 3.31
CA ASP A 359 19.60 -11.66 3.48
C ASP A 359 18.50 -11.99 4.47
N GLU A 360 18.51 -11.26 5.56
CA GLU A 360 17.57 -11.44 6.65
C GLU A 360 16.18 -10.95 6.34
N ALA A 361 16.15 -9.77 5.71
CA ALA A 361 14.88 -9.15 5.37
C ALA A 361 14.11 -9.97 4.36
N LEU A 362 14.76 -10.32 3.25
CA LEU A 362 14.13 -11.10 2.18
C LEU A 362 13.79 -12.53 2.57
N ALA A 363 14.60 -13.13 3.42
CA ALA A 363 14.34 -14.49 3.87
C ALA A 363 13.03 -14.51 4.66
N ALA A 364 12.89 -13.58 5.60
CA ALA A 364 11.66 -13.51 6.38
C ALA A 364 10.52 -13.08 5.45
N ALA A 365 10.85 -12.23 4.49
CA ALA A 365 9.87 -11.73 3.53
C ALA A 365 9.24 -12.88 2.76
N GLN A 366 10.04 -13.92 2.52
CA GLN A 366 9.57 -15.08 1.79
C GLN A 366 8.70 -15.96 2.68
N THR A 367 8.99 -15.91 3.98
CA THR A 367 8.26 -16.70 4.96
C THR A 367 6.86 -16.16 5.24
N ASN A 368 6.68 -14.86 5.05
CA ASN A 368 5.40 -14.23 5.32
C ASN A 368 4.69 -13.66 4.09
N ALA A 369 5.21 -13.96 2.90
CA ALA A 369 4.59 -13.45 1.68
C ALA A 369 3.34 -14.26 1.34
N ALA A 370 3.25 -15.47 1.89
CA ALA A 370 2.11 -16.34 1.62
C ALA A 370 1.27 -16.60 2.87
N ALA A 371 1.85 -16.35 4.02
CA ALA A 371 1.18 -16.57 5.31
C ALA A 371 -0.23 -16.01 5.43
N GLU A 372 -1.05 -16.71 6.22
CA GLU A 372 -2.42 -16.28 6.48
C GLU A 372 -2.27 -15.34 7.67
N PHE A 373 -2.95 -14.20 7.62
CA PHE A 373 -2.83 -13.25 8.71
C PHE A 373 -4.17 -12.64 9.07
N GLY A 374 -4.21 -12.00 10.23
CA GLY A 374 -5.44 -11.37 10.67
C GLY A 374 -5.11 -9.98 11.14
N SER A 375 -6.14 -9.23 11.49
CA SER A 375 -5.95 -7.87 11.97
C SER A 375 -6.74 -7.65 13.25
N SER A 376 -6.27 -6.71 14.07
CA SER A 376 -6.96 -6.41 15.32
C SER A 376 -8.24 -5.62 15.07
N TYR A 377 -9.19 -5.75 15.99
CA TYR A 377 -10.47 -5.07 15.89
C TYR A 377 -10.29 -3.59 16.24
N TRP A 378 -9.26 -3.30 17.04
CA TRP A 378 -9.00 -1.93 17.45
C TRP A 378 -8.04 -1.28 16.45
N THR A 379 -8.47 -0.17 15.85
CA THR A 379 -7.65 0.56 14.89
C THR A 379 -7.28 1.92 15.48
N SER A 380 -6.25 2.55 14.92
CA SER A 380 -5.79 3.85 15.39
C SER A 380 -5.10 4.61 14.26
N GLU A 381 -5.31 5.93 14.21
CA GLU A 381 -4.67 6.72 13.18
C GLU A 381 -3.17 6.85 13.43
N TYR A 382 -2.74 6.44 14.62
CA TYR A 382 -1.35 6.53 15.02
C TYR A 382 -0.58 5.21 15.05
N ASN A 383 -1.28 4.09 15.05
CA ASN A 383 -0.61 2.80 15.09
C ASN A 383 -1.27 1.79 14.17
N PRO A 384 -0.48 1.04 13.41
CA PRO A 384 -1.06 0.03 12.51
C PRO A 384 -1.66 -1.14 13.32
N ASN A 385 -2.68 -1.78 12.76
CA ASN A 385 -3.34 -2.89 13.44
C ASN A 385 -3.18 -4.21 12.71
N ALA A 386 -2.47 -4.18 11.58
CA ALA A 386 -2.25 -5.39 10.78
C ALA A 386 -0.87 -5.28 10.14
N PRO A 387 -0.30 -6.40 9.69
CA PRO A 387 -0.84 -7.76 9.73
C PRO A 387 -0.37 -8.56 10.94
N ILE A 388 -1.27 -9.33 11.54
CA ILE A 388 -0.93 -10.16 12.70
C ILE A 388 -0.75 -11.61 12.24
N LEU A 389 0.50 -12.05 12.06
CA LEU A 389 0.73 -13.42 11.61
C LEU A 389 1.50 -14.23 12.63
N VAL A 390 1.77 -15.49 12.30
CA VAL A 390 2.53 -16.35 13.19
C VAL A 390 3.90 -15.69 13.35
N GLY A 391 4.37 -15.62 14.59
CA GLY A 391 5.65 -15.00 14.85
C GLY A 391 5.51 -13.57 15.33
N SER A 392 4.29 -13.02 15.21
CA SER A 392 4.02 -11.65 15.65
C SER A 392 3.94 -11.55 17.16
N GLU A 393 4.14 -10.34 17.68
CA GLU A 393 4.07 -10.07 19.11
C GLU A 393 2.85 -9.18 19.30
N VAL A 394 2.09 -9.46 20.35
CA VAL A 394 0.87 -8.70 20.62
C VAL A 394 0.61 -8.49 22.10
N ALA A 395 -0.40 -7.69 22.39
CA ALA A 395 -0.82 -7.40 23.75
C ALA A 395 -2.14 -8.15 23.84
N TYR A 396 -2.23 -9.09 24.78
CA TYR A 396 -3.42 -9.90 24.94
C TYR A 396 -4.16 -9.55 26.23
N LYS A 397 -5.48 -9.42 26.14
CA LYS A 397 -6.27 -9.07 27.30
C LYS A 397 -6.90 -10.32 27.89
N PRO A 398 -6.34 -10.85 28.98
CA PRO A 398 -6.84 -12.07 29.63
C PRO A 398 -8.30 -11.94 30.04
N ARG A 399 -9.09 -12.99 29.80
CA ARG A 399 -10.50 -12.99 30.19
C ARG A 399 -10.60 -12.80 31.71
N ARG A 400 -9.85 -13.60 32.44
CA ARG A 400 -9.79 -13.56 33.91
C ARG A 400 -9.94 -12.16 34.51
N GLY A 405 -6.56 -2.79 34.34
CA GLY A 405 -6.76 -3.30 32.99
C GLY A 405 -5.46 -3.78 32.40
N GLU A 406 -5.01 -4.96 32.83
CA GLU A 406 -3.76 -5.53 32.37
C GLU A 406 -3.84 -6.35 31.09
N TRP A 407 -2.88 -6.13 30.22
CA TRP A 407 -2.76 -6.86 28.98
C TRP A 407 -1.37 -7.48 29.05
N ILE A 408 -1.26 -8.74 28.66
CA ILE A 408 0.04 -9.39 28.71
C ILE A 408 0.61 -9.55 27.32
N GLN A 409 1.94 -9.54 27.21
CA GLN A 409 2.59 -9.69 25.91
C GLN A 409 2.65 -11.16 25.53
N CYS A 410 2.23 -11.47 24.30
CA CYS A 410 2.22 -12.84 23.81
C CYS A 410 2.76 -12.94 22.39
N GLU A 411 3.13 -14.15 21.99
CA GLU A 411 3.61 -14.40 20.65
C GLU A 411 2.47 -15.17 19.99
N VAL A 412 2.32 -15.03 18.67
CA VAL A 412 1.25 -15.72 17.95
C VAL A 412 1.75 -17.05 17.34
N LEU A 413 1.09 -18.15 17.72
CA LEU A 413 1.46 -19.48 17.22
C LEU A 413 0.60 -19.95 16.06
N LYS A 414 -0.63 -19.46 15.97
CA LYS A 414 -1.53 -19.86 14.89
C LYS A 414 -2.61 -18.83 14.55
N VAL A 415 -2.81 -18.61 13.26
CA VAL A 415 -3.84 -17.71 12.78
C VAL A 415 -4.82 -18.65 12.08
N VAL A 416 -6.08 -18.63 12.48
CA VAL A 416 -7.06 -19.52 11.88
C VAL A 416 -8.44 -18.90 11.65
N ALA A 417 -9.21 -19.52 10.75
CA ALA A 417 -10.55 -19.06 10.40
C ALA A 417 -10.50 -17.70 9.73
N ASP A 418 -9.58 -17.55 8.79
CA ASP A 418 -9.38 -16.31 8.05
C ASP A 418 -8.97 -15.13 8.93
N GLY A 419 -8.22 -15.41 9.98
CA GLY A 419 -7.77 -14.34 10.86
C GLY A 419 -8.78 -13.86 11.88
N THR A 420 -9.77 -14.69 12.19
CA THR A 420 -10.77 -14.32 13.18
C THR A 420 -10.44 -15.06 14.46
N ARG A 421 -9.37 -15.83 14.42
CA ARG A 421 -9.00 -16.64 15.56
C ARG A 421 -7.50 -16.84 15.72
N PHE A 422 -7.03 -16.83 16.96
CA PHE A 422 -5.61 -17.00 17.23
C PHE A 422 -5.33 -17.91 18.44
N GLU A 423 -4.09 -18.38 18.52
CA GLU A 423 -3.62 -19.20 19.61
C GLU A 423 -2.32 -18.53 20.04
N VAL A 424 -2.38 -17.76 21.11
CA VAL A 424 -1.20 -17.03 21.58
C VAL A 424 -0.58 -17.60 22.85
N ARG A 425 0.74 -17.44 22.98
CA ARG A 425 1.43 -17.95 24.14
C ARG A 425 2.27 -16.92 24.88
N ASP A 426 2.13 -16.90 26.20
CA ASP A 426 2.90 -16.00 27.07
C ASP A 426 4.26 -16.68 27.22
N PRO A 427 5.34 -16.06 26.70
CA PRO A 427 6.66 -16.69 26.83
C PRO A 427 7.25 -16.89 28.23
N GLU A 428 6.72 -16.22 29.25
CA GLU A 428 7.25 -16.43 30.59
C GLU A 428 6.65 -17.71 31.18
N PRO A 429 7.50 -18.57 31.75
CA PRO A 429 7.19 -19.87 32.38
C PRO A 429 5.97 -19.83 33.30
N ASP A 430 5.05 -20.76 33.06
CA ASP A 430 3.82 -20.84 33.82
C ASP A 430 3.74 -22.19 34.53
N GLU A 431 2.86 -22.28 35.52
CA GLU A 431 2.68 -23.53 36.27
C GLU A 431 2.28 -24.71 35.40
N LEU A 432 1.62 -24.43 34.28
CA LEU A 432 1.18 -25.51 33.38
C LEU A 432 2.18 -25.75 32.26
N GLY A 433 3.06 -24.78 32.03
CA GLY A 433 4.06 -24.90 30.99
C GLY A 433 5.18 -23.87 31.14
N ASN A 434 6.42 -24.37 31.20
CA ASN A 434 7.58 -23.51 31.35
C ASN A 434 7.92 -22.85 30.01
N SER A 435 7.21 -23.28 28.98
CA SER A 435 7.37 -22.76 27.63
C SER A 435 6.44 -21.57 27.49
N GLY A 436 5.49 -21.47 28.41
CA GLY A 436 4.51 -20.39 28.41
C GLY A 436 3.09 -20.91 28.38
N LYS A 437 2.14 -20.13 28.88
CA LYS A 437 0.76 -20.57 28.88
C LYS A 437 0.09 -20.16 27.56
N VAL A 438 -0.75 -21.04 27.02
CA VAL A 438 -1.44 -20.78 25.76
C VAL A 438 -2.90 -20.40 25.92
N TYR A 439 -3.32 -19.40 25.15
CA TYR A 439 -4.70 -18.94 25.21
C TYR A 439 -5.27 -18.86 23.80
N LYS A 440 -6.60 -18.82 23.71
CA LYS A 440 -7.25 -18.68 22.41
C LYS A 440 -8.06 -17.40 22.49
N CYS A 441 -7.86 -16.51 21.52
CA CYS A 441 -8.58 -15.23 21.52
C CYS A 441 -9.09 -14.85 20.15
N ASN A 442 -10.04 -13.91 20.14
CA ASN A 442 -10.59 -13.41 18.88
C ASN A 442 -9.87 -12.10 18.52
N ARG A 443 -10.48 -11.27 17.67
CA ARG A 443 -9.84 -10.04 17.25
C ARG A 443 -9.92 -8.87 18.23
N LYS A 444 -10.76 -8.98 19.24
CA LYS A 444 -10.90 -7.89 20.20
C LYS A 444 -10.06 -8.09 21.45
N GLU A 445 -9.43 -9.25 21.56
CA GLU A 445 -8.65 -9.54 22.74
C GLU A 445 -7.16 -9.26 22.59
N LEU A 446 -6.79 -8.52 21.55
CA LEU A 446 -5.38 -8.22 21.37
C LEU A 446 -5.12 -6.97 20.54
N LEU A 447 -3.91 -6.46 20.69
CA LEU A 447 -3.46 -5.29 19.95
C LEU A 447 -2.12 -5.69 19.36
N LEU A 448 -1.89 -5.34 18.09
CA LEU A 448 -0.64 -5.68 17.45
C LEU A 448 0.46 -4.73 17.90
N ILE A 449 1.60 -5.29 18.28
CA ILE A 449 2.76 -4.51 18.67
C ILE A 449 3.59 -4.48 17.39
N PRO A 450 3.57 -3.35 16.65
CA PRO A 450 4.34 -3.25 15.41
C PRO A 450 5.81 -3.64 15.58
N PRO A 451 6.31 -4.56 14.75
CA PRO A 451 7.69 -5.01 14.81
C PRO A 451 8.67 -3.98 14.24
N GLY A 452 8.18 -3.19 13.28
CA GLY A 452 9.01 -2.18 12.65
C GLY A 452 9.06 -0.86 13.39
N PHE A 453 9.89 0.04 12.89
CA PHE A 453 10.05 1.35 13.49
C PHE A 453 8.74 2.13 13.43
N PRO A 454 8.53 3.05 14.40
CA PRO A 454 7.33 3.89 14.49
C PRO A 454 7.29 4.99 13.44
N THR A 455 6.08 5.38 13.05
CA THR A 455 5.91 6.41 12.04
C THR A 455 5.27 7.70 12.58
N LYS A 456 4.30 7.54 13.47
CA LYS A 456 3.61 8.69 14.04
C LYS A 456 3.66 8.68 15.55
N ASN A 457 3.55 9.86 16.14
CA ASN A 457 3.56 9.98 17.59
C ASN A 457 2.15 10.21 18.10
N TYR A 458 1.96 10.04 19.40
CA TYR A 458 0.64 10.23 19.99
C TYR A 458 0.55 11.64 20.50
N PRO A 459 -0.54 12.34 20.16
CA PRO A 459 -0.69 13.71 20.64
C PRO A 459 -0.79 13.67 22.16
N PRO A 460 -0.27 14.70 22.84
CA PRO A 460 -0.35 14.71 24.30
C PRO A 460 -1.81 14.63 24.75
N GLY A 461 -2.06 13.77 25.73
CA GLY A 461 -3.41 13.57 26.24
C GLY A 461 -3.99 12.23 25.79
N THR A 462 -3.32 11.58 24.84
CA THR A 462 -3.75 10.30 24.31
C THR A 462 -3.63 9.18 25.35
N LYS A 463 -4.63 8.31 25.38
CA LYS A 463 -4.64 7.17 26.30
C LYS A 463 -3.95 6.01 25.60
N VAL A 464 -3.05 5.34 26.31
CA VAL A 464 -2.34 4.22 25.70
C VAL A 464 -2.08 3.07 26.66
N LEU A 465 -1.59 1.98 26.10
CA LEU A 465 -1.22 0.79 26.86
C LEU A 465 0.27 0.68 26.64
N ALA A 466 1.05 1.01 27.65
CA ALA A 466 2.50 0.95 27.54
C ALA A 466 3.03 -0.19 28.41
N ARG A 467 4.11 -0.82 27.96
CA ARG A 467 4.70 -1.90 28.73
C ARG A 467 5.55 -1.24 29.79
N TYR A 468 5.28 -1.58 31.05
CA TYR A 468 5.99 -1.00 32.17
C TYR A 468 7.41 -1.56 32.30
N PRO A 469 8.39 -0.70 32.64
CA PRO A 469 9.80 -1.11 32.80
C PRO A 469 9.96 -2.34 33.69
N GLU A 470 10.72 -3.32 33.20
CA GLU A 470 10.97 -4.56 33.91
C GLU A 470 9.73 -5.48 34.03
N THR A 471 8.78 -5.35 33.11
CA THR A 471 7.60 -6.21 33.13
C THR A 471 7.29 -6.68 31.71
N THR A 472 6.29 -7.55 31.57
CA THR A 472 5.88 -8.03 30.27
C THR A 472 4.42 -7.67 30.17
N THR A 473 4.01 -6.79 31.07
CA THR A 473 2.63 -6.33 31.15
C THR A 473 2.46 -4.91 30.62
N PHE A 474 1.31 -4.65 30.02
CA PHE A 474 0.97 -3.33 29.50
C PHE A 474 -0.08 -2.78 30.44
N TYR A 475 0.18 -1.59 30.99
CA TYR A 475 -0.74 -0.96 31.92
C TYR A 475 -1.31 0.31 31.30
N PRO A 476 -2.47 0.74 31.78
CA PRO A 476 -3.07 1.96 31.23
C PRO A 476 -2.15 3.13 31.53
N ALA A 477 -2.07 4.07 30.58
CA ALA A 477 -1.21 5.23 30.76
C ALA A 477 -1.68 6.42 29.94
N ILE A 478 -1.19 7.59 30.30
CA ILE A 478 -1.54 8.80 29.59
C ILE A 478 -0.27 9.40 29.04
N VAL A 479 -0.33 9.84 27.79
CA VAL A 479 0.84 10.42 27.16
C VAL A 479 1.03 11.88 27.54
N ILE A 480 2.22 12.23 27.99
CA ILE A 480 2.53 13.61 28.36
C ILE A 480 3.14 14.32 27.15
N GLY A 481 4.17 13.68 26.58
CA GLY A 481 4.85 14.23 25.42
C GLY A 481 5.83 13.21 24.84
N THR A 482 6.21 13.45 23.58
CA THR A 482 7.13 12.58 22.85
C THR A 482 8.53 13.18 22.72
N LYS A 483 9.54 12.48 23.23
CA LYS A 483 10.92 12.95 23.16
C LYS A 483 11.41 12.81 21.71
N ARG A 484 12.24 13.75 21.25
CA ARG A 484 12.74 13.75 19.86
C ARG A 484 13.22 12.40 19.35
N ASP A 485 14.13 11.76 20.09
CA ASP A 485 14.62 10.45 19.67
C ASP A 485 13.42 9.49 19.43
N GLY A 486 12.21 10.00 19.66
CA GLY A 486 11.00 9.22 19.46
C GLY A 486 10.24 8.82 20.72
N THR A 487 11.00 8.39 21.71
CA THR A 487 10.54 7.95 23.04
C THR A 487 9.36 8.69 23.65
N CYS A 488 8.41 7.94 24.23
CA CYS A 488 7.23 8.55 24.85
C CYS A 488 7.39 8.79 26.34
N ARG A 489 6.92 9.96 26.79
CA ARG A 489 6.97 10.31 28.22
C ARG A 489 5.57 10.01 28.72
N LEU A 490 5.44 9.17 29.74
CA LEU A 490 4.11 8.83 30.18
C LEU A 490 3.85 8.82 31.67
N ARG A 491 2.61 9.13 32.02
CA ARG A 491 2.19 9.10 33.40
C ARG A 491 1.34 7.83 33.51
N PHE A 492 1.81 6.87 34.29
CA PHE A 492 1.07 5.62 34.47
C PHE A 492 0.00 5.77 35.53
N ASP A 493 -1.18 5.20 35.25
CA ASP A 493 -2.29 5.29 36.20
C ASP A 493 -1.99 4.50 37.48
N GLY A 494 -2.39 5.08 38.61
CA GLY A 494 -2.18 4.44 39.89
C GLY A 494 -0.76 4.03 40.22
N GLU A 495 0.18 4.95 40.09
CA GLU A 495 1.57 4.65 40.38
C GLU A 495 1.73 4.00 41.77
N LYS A 500 9.65 9.90 39.05
CA LYS A 500 9.24 10.93 38.10
C LYS A 500 8.30 10.26 37.15
N GLU A 501 8.11 10.95 36.03
CA GLU A 501 7.29 10.53 34.90
C GLU A 501 8.03 9.32 34.31
N THR A 502 7.36 8.50 33.54
CA THR A 502 8.04 7.33 32.99
C THR A 502 8.35 7.39 31.49
N GLU A 503 9.58 7.03 31.12
CA GLU A 503 9.94 7.04 29.71
C GLU A 503 9.93 5.64 29.14
N VAL A 504 9.08 5.44 28.14
CA VAL A 504 8.95 4.16 27.49
C VAL A 504 9.09 4.31 25.98
N THR A 505 9.93 3.48 25.40
CA THR A 505 10.16 3.48 23.97
C THR A 505 8.85 3.38 23.19
N ARG A 506 8.71 4.22 22.16
CA ARG A 506 7.51 4.26 21.34
C ARG A 506 6.97 2.91 20.90
N ARG A 507 7.87 1.99 20.52
CA ARG A 507 7.44 0.66 20.10
C ARG A 507 6.60 -0.06 21.14
N LEU A 508 6.65 0.38 22.40
CA LEU A 508 5.90 -0.28 23.45
C LEU A 508 4.72 0.54 23.95
N VAL A 509 4.36 1.57 23.20
CA VAL A 509 3.23 2.43 23.55
C VAL A 509 2.12 2.23 22.53
N LEU A 510 1.16 1.39 22.88
CA LEU A 510 0.04 1.06 22.01
C LEU A 510 -1.19 1.91 22.31
N PRO A 511 -2.15 1.95 21.36
CA PRO A 511 -3.39 2.72 21.52
C PRO A 511 -4.23 2.05 22.60
N SER A 512 -5.13 2.80 23.25
CA SER A 512 -5.96 2.19 24.28
C SER A 512 -7.29 1.73 23.67
N PRO A 513 -7.62 0.43 23.81
CA PRO A 513 -8.87 -0.10 23.27
C PRO A 513 -10.05 0.45 24.06
N THR A 514 -9.84 0.57 25.37
CA THR A 514 -10.88 1.09 26.27
C THR A 514 -11.25 2.51 25.83
N ALA A 515 -10.23 3.32 25.55
CA ALA A 515 -10.47 4.69 25.12
C ALA A 515 -11.19 4.68 23.78
N LEU A 516 -10.85 3.68 22.96
CA LEU A 516 -11.46 3.56 21.64
C LEU A 516 -12.94 3.14 21.67
N ALA A 517 -13.43 2.74 22.84
CA ALA A 517 -14.82 2.32 22.99
C ALA A 517 -15.78 3.40 22.50
N ALA B 1 3.36 -13.98 32.73
CA ALA B 1 3.83 -12.59 32.48
C ALA B 1 4.47 -12.04 33.75
N ARG B 2 5.37 -11.07 33.58
CA ARG B 2 6.06 -10.42 34.67
C ARG B 2 5.29 -9.16 35.02
N THR B 3 5.04 -8.92 36.31
CA THR B 3 4.26 -7.74 36.69
C THR B 3 5.01 -6.67 37.52
N M3L B 4 4.29 -5.58 37.79
CA M3L B 4 4.81 -4.46 38.56
CB M3L B 4 3.99 -3.21 38.22
CG M3L B 4 4.48 -1.93 38.86
CD M3L B 4 3.35 -0.94 39.04
CE M3L B 4 2.77 -0.43 37.71
NZ M3L B 4 1.59 0.42 37.98
C M3L B 4 4.77 -4.72 40.07
O M3L B 4 4.07 -5.61 40.55
CM1 M3L B 4 1.98 1.54 38.91
CM2 M3L B 4 0.55 -0.44 38.60
CM3 M3L B 4 0.92 1.05 36.82
N GLN B 5 5.53 -3.90 40.80
CA GLN B 5 5.64 -3.98 42.27
C GLN B 5 6.45 -5.20 42.69
C1 GLC C . -0.23 4.26 -6.99
C2 GLC C . -0.59 3.01 -7.85
C3 GLC C . -0.96 1.84 -6.94
C4 GLC C . 0.27 1.55 -6.05
C5 GLC C . 0.55 2.82 -5.20
C6 GLC C . 1.75 2.59 -4.29
O1 GLC C . -1.35 4.77 -6.28
O2 GLC C . -1.68 3.33 -8.70
O3 GLC C . -1.26 0.71 -7.78
O4 GLC C . -0.03 0.48 -5.17
O5 GLC C . 0.86 3.96 -6.07
O6 GLC C . 1.94 3.78 -3.51
C1 GLC C . 0.65 -0.75 -5.54
C2 GLC C . -0.42 -1.81 -5.37
C3 GLC C . -0.96 -1.75 -3.93
C4 GLC C . 0.23 -2.07 -2.97
C5 GLC C . 1.33 -1.01 -3.21
C6 GLC C . 2.53 -1.30 -2.32
O2 GLC C . -1.48 -1.52 -6.27
O3 GLC C . -2.00 -2.71 -3.76
O4 GLC C . -0.21 -2.03 -1.59
O5 GLC C . 1.78 -1.02 -4.62
O6 GLC C . 3.51 -0.31 -2.61
C ACT D . -13.34 -0.22 15.89
O ACT D . -14.20 -0.43 15.05
OXT ACT D . -12.15 -0.25 15.59
CH3 ACT D . -13.75 0.08 17.35
#